data_3TFE
#
_entry.id   3TFE
#
_cell.length_a   123.295
_cell.length_b   123.295
_cell.length_c   123.295
_cell.angle_alpha   90.00
_cell.angle_beta   90.00
_cell.angle_gamma   90.00
#
_symmetry.space_group_name_H-M   'P 21 3'
#
loop_
_entity.id
_entity.type
_entity.pdbx_description
1 polymer 'Alr2278 protein'
2 non-polymer 'PROTOPORPHYRIN IX CONTAINING FE'
3 non-polymer XENON
4 non-polymer 'MALONIC ACID'
5 water water
#
_entity_poly.entity_id   1
_entity_poly.type   'polypeptide(L)'
_entity_poly.pdbx_seq_one_letter_code
;MYGLVNKAIQDMISKHHGEDTWEAIKQKAGLEDIDFFVGMEAYSDDVTYHLVGAASEVLGKPAEEWLIAFGEYWVTYTSE
EGYGELLASAGDSLPEFMENLDNLHARVGLSFPQLRPPAFECQHTSSKSMELHYQSTRCGLAPMVLGLLHGLGKRFQTKV
EVTQTAFRETGEDHDIFSIKYEDSNLYDD
;
_entity_poly.pdbx_strand_id   A,B
#
loop_
_chem_comp.id
_chem_comp.type
_chem_comp.name
_chem_comp.formula
HEM non-polymer 'PROTOPORPHYRIN IX CONTAINING FE' 'C34 H32 Fe N4 O4'
MLA non-polymer 'MALONIC ACID' 'C3 H4 O4'
XE non-polymer XENON Xe
#
# COMPACT_ATOMS: atom_id res chain seq x y z
N MET A 1 22.39 11.83 6.01
CA MET A 1 21.66 12.58 5.00
C MET A 1 21.81 14.08 5.25
N TYR A 2 21.47 14.91 4.26
CA TYR A 2 21.59 16.35 4.44
C TYR A 2 20.66 16.83 5.54
N GLY A 3 21.03 17.94 6.17
CA GLY A 3 20.35 18.44 7.35
C GLY A 3 18.87 18.66 7.09
N LEU A 4 18.55 18.99 5.85
CA LEU A 4 17.17 19.28 5.46
C LEU A 4 16.24 18.16 5.89
N VAL A 5 16.68 16.93 5.73
CA VAL A 5 15.84 15.78 6.06
C VAL A 5 15.57 15.74 7.56
N ASN A 6 16.62 15.99 8.33
CA ASN A 6 16.47 15.98 9.79
C ASN A 6 15.64 17.15 10.30
N LYS A 7 15.73 18.29 9.62
CA LYS A 7 14.88 19.44 9.92
C LYS A 7 13.40 19.12 9.68
N ALA A 8 13.12 18.41 8.60
CA ALA A 8 11.74 18.01 8.28
C ALA A 8 11.20 17.09 9.37
N ILE A 9 12.05 16.19 9.85
CA ILE A 9 11.66 15.29 10.92
C ILE A 9 11.32 16.08 12.18
N GLN A 10 12.21 16.98 12.57
CA GLN A 10 11.95 17.82 13.74
C GLN A 10 10.67 18.63 13.56
N ASP A 11 10.48 19.20 12.38
CA ASP A 11 9.31 20.03 12.14
CA ASP A 11 9.32 20.03 12.10
C ASP A 11 8.03 19.21 12.21
N MET A 12 8.05 18.02 11.61
CA MET A 12 6.86 17.18 11.65
C MET A 12 6.49 16.79 13.07
N ILE A 13 7.48 16.34 13.84
CA ILE A 13 7.26 15.94 15.22
C ILE A 13 6.76 17.13 16.05
N SER A 14 7.45 18.26 15.95
CA SER A 14 7.06 19.47 16.66
C SER A 14 5.64 19.91 16.33
N LYS A 15 5.31 19.91 15.05
CA LYS A 15 3.98 20.32 14.59
C LYS A 15 2.88 19.36 15.05
N HIS A 16 3.12 18.06 14.91
CA HIS A 16 2.12 17.06 15.23
C HIS A 16 2.04 16.75 16.72
N HIS A 17 3.12 16.92 17.45
CA HIS A 17 3.17 16.44 18.83
C HIS A 17 3.67 17.44 19.88
N GLY A 18 4.24 18.55 19.44
CA GLY A 18 4.74 19.57 20.36
C GLY A 18 6.24 19.52 20.60
N GLU A 19 6.79 20.67 21.01
CA GLU A 19 8.23 20.80 21.23
C GLU A 19 8.75 19.89 22.34
N ASP A 20 7.95 19.70 23.39
CA ASP A 20 8.34 18.82 24.46
C ASP A 20 8.56 17.40 23.93
N THR A 21 7.63 16.93 23.12
CA THR A 21 7.77 15.62 22.52
C THR A 21 9.02 15.57 21.62
N TRP A 22 9.21 16.58 20.79
CA TRP A 22 10.43 16.64 19.99
C TRP A 22 11.68 16.57 20.85
N GLU A 23 11.71 17.34 21.94
CA GLU A 23 12.89 17.35 22.79
C GLU A 23 13.14 15.95 23.38
N ALA A 24 12.09 15.28 23.80
CA ALA A 24 12.23 13.94 24.35
C ALA A 24 12.81 12.99 23.31
N ILE A 25 12.36 13.12 22.07
CA ILE A 25 12.81 12.26 20.99
C ILE A 25 14.26 12.55 20.66
N LYS A 26 14.58 13.82 20.59
CA LYS A 26 15.93 14.28 20.28
C LYS A 26 16.92 13.77 21.34
N GLN A 27 16.53 13.90 22.61
CA GLN A 27 17.35 13.39 23.70
C GLN A 27 17.51 11.89 23.55
N LYS A 28 16.38 11.18 23.44
CA LYS A 28 16.41 9.73 23.29
C LYS A 28 17.27 9.28 22.10
N ALA A 29 17.30 10.10 21.05
CA ALA A 29 18.09 9.79 19.86
C ALA A 29 19.58 10.00 20.07
N GLY A 30 19.94 10.64 21.18
CA GLY A 30 21.34 10.90 21.51
C GLY A 30 21.85 12.20 20.92
N LEU A 31 20.94 13.13 20.67
CA LEU A 31 21.26 14.32 19.87
C LEU A 31 21.05 15.62 20.65
N GLU A 32 21.05 15.53 21.97
CA GLU A 32 20.77 16.68 22.82
C GLU A 32 21.71 17.85 22.54
N ASP A 33 22.98 17.55 22.26
CA ASP A 33 23.99 18.58 22.06
C ASP A 33 23.72 19.48 20.84
N ILE A 34 23.19 18.87 19.78
CA ILE A 34 22.88 19.61 18.56
C ILE A 34 21.80 20.67 18.78
N ASP A 35 22.18 21.95 18.71
CA ASP A 35 21.24 23.04 18.90
C ASP A 35 20.23 23.16 17.76
N PHE A 36 20.70 22.96 16.53
CA PHE A 36 19.82 22.99 15.37
C PHE A 36 20.48 22.23 14.23
N PHE A 37 19.66 21.68 13.33
CA PHE A 37 20.19 21.07 12.12
C PHE A 37 20.49 22.12 11.07
N VAL A 38 21.58 21.93 10.34
CA VAL A 38 21.95 22.81 9.25
C VAL A 38 21.49 22.19 7.93
N GLY A 39 20.53 22.84 7.29
CA GLY A 39 19.84 22.27 6.15
C GLY A 39 20.73 21.84 5.00
N MET A 40 21.75 22.64 4.67
CA MET A 40 22.57 22.31 3.50
C MET A 40 23.88 21.66 3.90
N GLU A 41 23.93 21.08 5.10
CA GLU A 41 25.11 20.39 5.60
C GLU A 41 24.82 18.88 5.67
N ALA A 42 25.83 18.07 5.36
CA ALA A 42 25.68 16.62 5.40
C ALA A 42 25.85 16.09 6.83
N TYR A 43 24.98 15.17 7.24
CA TYR A 43 25.10 14.47 8.52
C TYR A 43 25.26 12.98 8.28
N SER A 44 25.83 12.28 9.26
CA SER A 44 25.82 10.82 9.20
C SER A 44 24.39 10.32 9.11
N ASP A 45 24.16 9.28 8.32
CA ASP A 45 22.83 8.68 8.20
C ASP A 45 22.34 8.23 9.58
N ASP A 46 23.28 7.89 10.46
CA ASP A 46 22.96 7.46 11.82
C ASP A 46 22.04 8.42 12.53
N VAL A 47 22.25 9.71 12.29
CA VAL A 47 21.43 10.75 12.90
C VAL A 47 19.95 10.52 12.59
N THR A 48 19.67 10.21 11.32
CA THR A 48 18.30 10.01 10.88
C THR A 48 17.70 8.71 11.41
N TYR A 49 18.43 7.61 11.27
CA TYR A 49 17.95 6.33 11.81
C TYR A 49 17.69 6.40 13.31
N HIS A 50 18.53 7.13 14.03
CA HIS A 50 18.33 7.28 15.48
C HIS A 50 17.06 8.04 15.80
N LEU A 51 16.76 9.07 14.99
CA LEU A 51 15.53 9.82 15.18
C LEU A 51 14.31 8.95 14.91
N VAL A 52 14.36 8.16 13.85
CA VAL A 52 13.27 7.25 13.53
C VAL A 52 13.03 6.30 14.71
N GLY A 53 14.08 5.67 15.19
CA GLY A 53 13.97 4.72 16.28
C GLY A 53 13.45 5.38 17.54
N ALA A 54 13.97 6.57 17.83
CA ALA A 54 13.55 7.30 19.03
C ALA A 54 12.10 7.75 18.89
N ALA A 55 11.71 8.19 17.70
CA ALA A 55 10.33 8.59 17.47
C ALA A 55 9.40 7.41 17.72
N SER A 56 9.75 6.27 17.14
CA SER A 56 8.98 5.05 17.31
C SER A 56 8.76 4.73 18.78
N GLU A 57 9.83 4.75 19.57
CA GLU A 57 9.75 4.44 21.00
C GLU A 57 8.89 5.44 21.77
N VAL A 58 9.20 6.72 21.65
CA VAL A 58 8.50 7.74 22.41
C VAL A 58 7.01 7.81 22.03
N LEU A 59 6.73 7.69 20.74
CA LEU A 59 5.36 7.82 20.25
C LEU A 59 4.54 6.54 20.39
N GLY A 60 5.24 5.42 20.60
CA GLY A 60 4.58 4.13 20.66
C GLY A 60 4.00 3.68 19.34
N LYS A 61 4.64 4.08 18.24
CA LYS A 61 4.25 3.67 16.89
C LYS A 61 5.30 2.74 16.32
N PRO A 62 4.90 1.82 15.44
CA PRO A 62 5.93 1.08 14.72
C PRO A 62 6.71 2.05 13.84
N ALA A 63 8.01 1.83 13.70
CA ALA A 63 8.86 2.72 12.92
C ALA A 63 8.37 2.82 11.47
N GLU A 64 7.96 1.68 10.91
CA GLU A 64 7.45 1.65 9.56
C GLU A 64 6.29 2.62 9.42
N GLU A 65 5.35 2.55 10.37
CA GLU A 65 4.19 3.40 10.33
C GLU A 65 4.61 4.87 10.42
N TRP A 66 5.56 5.16 11.30
CA TRP A 66 6.02 6.54 11.45
C TRP A 66 6.70 7.04 10.18
N LEU A 67 7.47 6.16 9.54
CA LEU A 67 8.17 6.53 8.31
C LEU A 67 7.19 6.82 7.18
N ILE A 68 6.08 6.10 7.13
CA ILE A 68 5.04 6.40 6.15
C ILE A 68 4.52 7.83 6.33
N ALA A 69 4.21 8.21 7.56
CA ALA A 69 3.71 9.56 7.82
C ALA A 69 4.77 10.58 7.44
N PHE A 70 6.03 10.26 7.73
CA PHE A 70 7.09 11.19 7.39
C PHE A 70 7.24 11.37 5.89
N GLY A 71 7.20 10.26 5.15
CA GLY A 71 7.28 10.34 3.70
C GLY A 71 6.14 11.19 3.14
N GLU A 72 4.93 11.01 3.65
CA GLU A 72 3.84 11.88 3.21
C GLU A 72 4.12 13.35 3.54
N TYR A 73 4.65 13.60 4.74
CA TYR A 73 4.97 14.95 5.20
C TYR A 73 5.98 15.68 4.29
N TRP A 74 6.96 14.91 3.81
CA TRP A 74 8.05 15.43 2.98
C TRP A 74 7.53 16.16 1.75
N VAL A 75 6.47 15.62 1.15
CA VAL A 75 5.91 16.20 -0.06
C VAL A 75 5.40 17.62 0.23
N THR A 76 4.78 17.80 1.40
CA THR A 76 4.32 19.13 1.78
C THR A 76 5.49 20.02 2.24
N TYR A 77 6.41 19.42 2.99
CA TYR A 77 7.54 20.17 3.55
C TYR A 77 8.42 20.81 2.45
N THR A 78 8.84 20.00 1.49
CA THR A 78 9.65 20.51 0.40
C THR A 78 8.92 21.62 -0.36
N SER A 79 7.61 21.45 -0.56
CA SER A 79 6.88 22.42 -1.35
C SER A 79 6.81 23.76 -0.62
N GLU A 80 6.93 23.72 0.70
CA GLU A 80 6.72 24.91 1.50
C GLU A 80 8.00 25.54 2.01
N GLU A 81 9.11 24.82 1.95
CA GLU A 81 10.32 25.30 2.58
C GLU A 81 11.44 25.57 1.59
N GLY A 82 11.07 25.91 0.35
CA GLY A 82 12.06 26.38 -0.62
C GLY A 82 12.17 25.59 -1.92
N TYR A 83 11.39 24.52 -2.05
CA TYR A 83 11.48 23.65 -3.22
C TYR A 83 10.17 23.53 -4.00
N GLY A 84 9.28 24.50 -3.81
CA GLY A 84 7.96 24.48 -4.43
C GLY A 84 7.99 24.53 -5.95
N GLU A 85 8.78 25.44 -6.49
CA GLU A 85 8.93 25.52 -7.94
C GLU A 85 9.63 24.28 -8.53
N LEU A 86 10.66 23.79 -7.86
CA LEU A 86 11.28 22.54 -8.30
C LEU A 86 10.27 21.40 -8.34
N LEU A 87 9.46 21.26 -7.29
CA LEU A 87 8.44 20.21 -7.27
C LEU A 87 7.47 20.38 -8.43
N ALA A 88 7.01 21.62 -8.62
CA ALA A 88 6.03 21.89 -9.67
C ALA A 88 6.59 21.50 -11.03
N SER A 89 7.87 21.79 -11.23
CA SER A 89 8.53 21.55 -12.51
C SER A 89 8.62 20.06 -12.85
N ALA A 90 8.49 19.20 -11.85
CA ALA A 90 8.61 17.76 -12.07
C ALA A 90 7.32 17.09 -12.55
N GLY A 91 6.24 17.85 -12.69
CA GLY A 91 5.07 17.32 -13.39
C GLY A 91 3.69 17.59 -12.81
N ASP A 92 2.68 17.20 -13.58
CA ASP A 92 1.29 17.49 -13.24
C ASP A 92 0.49 16.23 -12.94
N SER A 93 1.15 15.07 -12.91
CA SER A 93 0.45 13.84 -12.59
C SER A 93 1.41 12.89 -11.90
N LEU A 94 0.88 11.89 -11.22
CA LEU A 94 1.72 10.93 -10.51
C LEU A 94 2.70 10.21 -11.44
N PRO A 95 2.21 9.65 -12.57
CA PRO A 95 3.16 8.91 -13.38
C PRO A 95 4.21 9.81 -14.04
N GLU A 96 3.86 11.04 -14.42
CA GLU A 96 4.88 11.92 -14.98
C GLU A 96 5.91 12.32 -13.91
N PHE A 97 5.42 12.66 -12.72
CA PHE A 97 6.31 12.98 -11.61
C PHE A 97 7.31 11.84 -11.35
N MET A 98 6.83 10.61 -11.26
CA MET A 98 7.75 9.50 -10.98
C MET A 98 8.79 9.31 -12.10
N GLU A 99 8.37 9.53 -13.34
CA GLU A 99 9.31 9.50 -14.47
C GLU A 99 10.37 10.59 -14.33
N ASN A 100 9.99 11.73 -13.76
CA ASN A 100 10.93 12.87 -13.64
C ASN A 100 11.79 12.82 -12.36
N LEU A 101 11.51 11.89 -11.47
CA LEU A 101 12.10 11.95 -10.13
C LEU A 101 13.63 11.88 -10.17
N ASP A 102 14.20 11.04 -11.02
CA ASP A 102 15.65 10.95 -11.09
C ASP A 102 16.24 12.27 -11.57
N ASN A 103 15.55 12.93 -12.51
CA ASN A 103 15.97 14.23 -12.98
C ASN A 103 15.78 15.34 -11.93
N LEU A 104 14.71 15.22 -11.15
CA LEU A 104 14.50 16.15 -10.04
C LEU A 104 15.66 16.02 -9.04
N HIS A 105 16.05 14.79 -8.68
CA HIS A 105 17.17 14.63 -7.77
C HIS A 105 18.52 15.03 -8.38
N ALA A 106 18.67 14.88 -9.69
CA ALA A 106 19.86 15.36 -10.37
C ALA A 106 19.97 16.88 -10.16
N ARG A 107 18.83 17.58 -10.29
CA ARG A 107 18.78 19.02 -10.08
C ARG A 107 19.11 19.38 -8.63
N VAL A 108 18.52 18.64 -7.70
CA VAL A 108 18.88 18.79 -6.29
C VAL A 108 20.39 18.58 -6.10
N GLY A 109 20.94 17.60 -6.80
CA GLY A 109 22.33 17.22 -6.62
C GLY A 109 23.31 18.27 -7.12
N LEU A 110 22.83 19.12 -8.03
CA LEU A 110 23.60 20.30 -8.44
C LEU A 110 23.96 21.14 -7.22
N SER A 111 23.00 21.34 -6.33
CA SER A 111 23.16 22.17 -5.14
C SER A 111 23.68 21.40 -3.92
N PHE A 112 23.29 20.14 -3.80
CA PHE A 112 23.76 19.29 -2.70
C PHE A 112 24.79 18.33 -3.26
N PRO A 113 26.05 18.76 -3.32
CA PRO A 113 27.12 18.03 -4.00
C PRO A 113 27.41 16.64 -3.44
N GLN A 114 27.07 16.39 -2.17
CA GLN A 114 27.29 15.05 -1.63
C GLN A 114 26.05 14.16 -1.69
N LEU A 115 25.04 14.56 -2.45
CA LEU A 115 23.77 13.83 -2.46
C LEU A 115 23.95 12.35 -2.82
N ARG A 116 23.25 11.48 -2.09
CA ARG A 116 23.12 10.08 -2.51
C ARG A 116 21.65 9.85 -2.73
N PRO A 117 21.15 10.23 -3.92
CA PRO A 117 19.69 10.21 -4.11
C PRO A 117 19.23 8.78 -4.40
N PRO A 118 17.94 8.53 -4.20
CA PRO A 118 17.39 7.25 -4.61
C PRO A 118 17.28 7.23 -6.14
N ALA A 119 17.11 6.06 -6.71
CA ALA A 119 16.85 5.94 -8.15
C ALA A 119 15.49 5.27 -8.34
N PHE A 120 14.66 5.87 -9.19
CA PHE A 120 13.30 5.36 -9.42
C PHE A 120 13.08 5.07 -10.89
N GLU A 121 12.67 3.85 -11.20
CA GLU A 121 12.40 3.49 -12.59
C GLU A 121 10.95 3.03 -12.73
N CYS A 122 10.24 3.57 -13.72
CA CYS A 122 8.84 3.18 -13.90
C CYS A 122 8.67 2.20 -15.04
N GLN A 123 7.92 1.12 -14.79
CA GLN A 123 7.48 0.28 -15.90
C GLN A 123 5.96 0.35 -15.97
N HIS A 124 5.45 1.03 -16.98
CA HIS A 124 4.01 1.26 -17.06
C HIS A 124 3.32 0.01 -17.56
N THR A 125 2.26 -0.38 -16.86
CA THR A 125 1.53 -1.58 -17.23
C THR A 125 0.18 -1.22 -17.83
N SER A 126 -0.22 0.04 -17.65
CA SER A 126 -1.36 0.62 -18.35
C SER A 126 -1.28 2.13 -18.16
N SER A 127 -2.23 2.86 -18.71
CA SER A 127 -2.28 4.31 -18.51
C SER A 127 -2.64 4.64 -17.07
N LYS A 128 -3.07 3.63 -16.30
CA LYS A 128 -3.44 3.85 -14.90
C LYS A 128 -2.70 2.94 -13.91
N SER A 129 -1.59 2.37 -14.31
CA SER A 129 -0.83 1.52 -13.40
C SER A 129 0.61 1.37 -13.82
N MET A 130 1.46 1.05 -12.85
CA MET A 130 2.86 0.84 -13.17
C MET A 130 3.50 -0.06 -12.14
N GLU A 131 4.66 -0.56 -12.50
CA GLU A 131 5.53 -1.23 -11.55
C GLU A 131 6.67 -0.25 -11.29
N LEU A 132 6.90 0.07 -10.02
CA LEU A 132 7.90 1.06 -9.66
C LEU A 132 9.12 0.41 -9.00
N HIS A 133 10.30 0.69 -9.56
CA HIS A 133 11.54 0.15 -9.03
C HIS A 133 12.28 1.22 -8.24
N TYR A 134 12.54 0.92 -6.96
CA TYR A 134 13.17 1.86 -6.05
C TYR A 134 14.52 1.29 -5.66
N GLN A 135 15.59 1.93 -6.11
CA GLN A 135 16.94 1.50 -5.78
C GLN A 135 17.63 2.55 -4.94
N SER A 136 18.39 2.10 -3.95
CA SER A 136 18.94 3.00 -2.95
C SER A 136 20.22 2.43 -2.38
N THR A 137 21.14 3.32 -1.98
CA THR A 137 22.34 2.93 -1.24
C THR A 137 21.99 2.66 0.24
N ARG A 138 20.74 2.90 0.62
CA ARG A 138 20.37 2.84 2.04
C ARG A 138 19.36 1.74 2.32
N CYS A 139 19.33 1.26 3.56
CA CYS A 139 18.35 0.26 3.98
C CYS A 139 17.18 0.92 4.67
N GLY A 140 16.03 0.25 4.66
CA GLY A 140 14.94 0.57 5.54
C GLY A 140 13.96 1.65 5.11
N LEU A 141 14.17 2.25 3.94
CA LEU A 141 13.33 3.40 3.60
C LEU A 141 12.12 3.12 2.72
N ALA A 142 11.86 1.85 2.40
CA ALA A 142 10.67 1.53 1.63
C ALA A 142 9.37 2.12 2.21
N PRO A 143 9.22 2.08 3.53
CA PRO A 143 7.94 2.61 4.04
C PRO A 143 7.86 4.11 3.84
N MET A 144 9.00 4.80 3.83
CA MET A 144 8.98 6.22 3.53
C MET A 144 8.49 6.43 2.09
N VAL A 145 8.96 5.58 1.18
CA VAL A 145 8.51 5.64 -0.20
C VAL A 145 6.99 5.47 -0.31
N LEU A 146 6.44 4.54 0.45
CA LEU A 146 4.98 4.39 0.47
C LEU A 146 4.28 5.69 0.86
N GLY A 147 4.77 6.34 1.92
CA GLY A 147 4.17 7.60 2.35
C GLY A 147 4.32 8.67 1.28
N LEU A 148 5.49 8.71 0.64
CA LEU A 148 5.75 9.71 -0.37
C LEU A 148 4.74 9.56 -1.50
N LEU A 149 4.46 8.31 -1.87
CA LEU A 149 3.52 8.04 -2.95
C LEU A 149 2.12 8.55 -2.58
N HIS A 150 1.73 8.36 -1.33
CA HIS A 150 0.45 8.89 -0.87
C HIS A 150 0.45 10.42 -0.82
N GLY A 151 1.56 11.01 -0.42
CA GLY A 151 1.70 12.45 -0.45
C GLY A 151 1.55 12.98 -1.87
N LEU A 152 2.14 12.28 -2.83
CA LEU A 152 2.01 12.68 -4.24
C LEU A 152 0.59 12.48 -4.73
N GLY A 153 -0.07 11.41 -4.29
CA GLY A 153 -1.47 11.21 -4.59
C GLY A 153 -2.32 12.40 -4.16
N LYS A 154 -2.09 12.88 -2.94
CA LYS A 154 -2.83 14.03 -2.46
C LYS A 154 -2.52 15.25 -3.31
N ARG A 155 -1.24 15.42 -3.62
CA ARG A 155 -0.79 16.58 -4.41
C ARG A 155 -1.51 16.64 -5.75
N PHE A 156 -1.69 15.50 -6.38
CA PHE A 156 -2.27 15.46 -7.71
C PHE A 156 -3.76 15.08 -7.67
N GLN A 157 -4.35 15.08 -6.48
CA GLN A 157 -5.75 14.69 -6.29
C GLN A 157 -6.03 13.40 -7.04
N THR A 158 -5.23 12.39 -6.72
CA THR A 158 -5.27 11.12 -7.42
C THR A 158 -5.34 10.03 -6.38
N LYS A 159 -6.22 9.05 -6.61
CA LYS A 159 -6.31 7.90 -5.73
C LYS A 159 -5.16 6.97 -6.09
N VAL A 160 -4.41 6.55 -5.08
CA VAL A 160 -3.22 5.73 -5.31
C VAL A 160 -3.31 4.45 -4.49
N GLU A 161 -3.20 3.31 -5.15
CA GLU A 161 -3.20 2.03 -4.45
C GLU A 161 -1.83 1.43 -4.69
N VAL A 162 -1.12 1.13 -3.60
CA VAL A 162 0.28 0.74 -3.68
C VAL A 162 0.52 -0.49 -2.86
N THR A 163 1.16 -1.48 -3.46
CA THR A 163 1.52 -2.70 -2.73
C THR A 163 2.97 -3.05 -3.07
N GLN A 164 3.77 -3.34 -2.04
CA GLN A 164 5.17 -3.68 -2.24
C GLN A 164 5.30 -5.15 -2.67
N THR A 165 6.02 -5.42 -3.75
CA THR A 165 6.10 -6.77 -4.27
C THR A 165 7.50 -7.39 -4.18
N ALA A 166 8.52 -6.57 -3.98
CA ALA A 166 9.87 -7.08 -3.76
C ALA A 166 10.53 -6.30 -2.63
N PHE A 167 11.42 -6.95 -1.90
CA PHE A 167 11.97 -6.37 -0.67
C PHE A 167 13.51 -6.42 -0.67
N ARG A 168 14.12 -5.23 -0.63
CA ARG A 168 15.57 -5.07 -0.57
C ARG A 168 16.12 -5.83 0.62
N GLU A 169 15.39 -5.79 1.73
CA GLU A 169 15.88 -6.36 2.98
C GLU A 169 15.97 -7.88 2.91
N THR A 170 14.95 -8.50 2.35
CA THR A 170 14.96 -9.96 2.21
C THR A 170 15.83 -10.37 1.03
N GLY A 171 17.02 -9.77 0.94
CA GLY A 171 18.02 -10.21 -0.01
C GLY A 171 17.73 -9.91 -1.47
N GLU A 172 16.44 -9.80 -1.83
CA GLU A 172 16.08 -9.48 -3.20
CA GLU A 172 16.08 -9.48 -3.20
C GLU A 172 16.86 -8.27 -3.70
N ASP A 173 16.97 -8.13 -5.01
CA ASP A 173 17.73 -7.03 -5.56
C ASP A 173 17.30 -5.72 -4.91
N HIS A 174 16.10 -5.25 -5.23
CA HIS A 174 15.67 -3.94 -4.78
C HIS A 174 14.18 -3.95 -4.52
N ASP A 175 13.68 -2.90 -3.87
CA ASP A 175 12.26 -2.77 -3.61
C ASP A 175 11.51 -2.51 -4.91
N ILE A 176 10.38 -3.17 -5.06
CA ILE A 176 9.50 -2.96 -6.19
C ILE A 176 8.07 -2.79 -5.67
N PHE A 177 7.32 -1.87 -6.29
CA PHE A 177 5.94 -1.64 -5.90
C PHE A 177 5.03 -1.76 -7.12
N SER A 178 3.86 -2.39 -6.93
CA SER A 178 2.78 -2.28 -7.91
C SER A 178 1.85 -1.15 -7.50
N ILE A 179 1.55 -0.27 -8.44
CA ILE A 179 0.78 0.93 -8.16
C ILE A 179 -0.36 1.07 -9.16
N LYS A 180 -1.57 1.33 -8.66
CA LYS A 180 -2.71 1.71 -9.53
C LYS A 180 -3.13 3.12 -9.15
N TYR A 181 -3.51 3.94 -10.13
CA TYR A 181 -3.90 5.31 -9.84
CA TYR A 181 -3.88 5.32 -9.85
C TYR A 181 -5.05 5.77 -10.73
N GLU A 182 -5.94 6.56 -10.16
CA GLU A 182 -7.10 7.06 -10.88
C GLU A 182 -7.54 8.39 -10.28
N ASP A 183 -8.24 9.20 -11.07
CA ASP A 183 -8.74 10.49 -10.59
C ASP A 183 -9.93 10.34 -9.66
N MET B 1 -10.64 -22.74 -2.85
CA MET B 1 -11.71 -21.86 -2.39
C MET B 1 -13.03 -22.20 -3.04
N TYR B 2 -14.13 -21.69 -2.50
CA TYR B 2 -15.44 -21.97 -3.08
C TYR B 2 -15.56 -21.37 -4.46
N GLY B 3 -16.41 -21.99 -5.29
CA GLY B 3 -16.52 -21.61 -6.69
C GLY B 3 -16.89 -20.17 -6.91
N LEU B 4 -17.60 -19.60 -5.95
CA LEU B 4 -17.97 -18.18 -6.02
C LEU B 4 -16.76 -17.29 -6.32
N VAL B 5 -15.63 -17.58 -5.67
CA VAL B 5 -14.42 -16.80 -5.89
C VAL B 5 -13.98 -16.91 -7.35
N ASN B 6 -13.93 -18.13 -7.85
CA ASN B 6 -13.52 -18.33 -9.24
C ASN B 6 -14.50 -17.77 -10.28
N LYS B 7 -15.80 -17.81 -9.95
CA LYS B 7 -16.81 -17.14 -10.78
C LYS B 7 -16.56 -15.65 -10.88
N ALA B 8 -16.21 -15.03 -9.75
CA ALA B 8 -15.95 -13.58 -9.75
C ALA B 8 -14.75 -13.26 -10.62
N ILE B 9 -13.75 -14.13 -10.57
CA ILE B 9 -12.55 -13.93 -11.39
C ILE B 9 -12.91 -14.01 -12.87
N GLN B 10 -13.66 -15.04 -13.24
CA GLN B 10 -14.11 -15.19 -14.63
C GLN B 10 -14.94 -13.99 -15.05
N ASP B 11 -15.82 -13.55 -14.17
CA ASP B 11 -16.72 -12.45 -14.47
CA ASP B 11 -16.72 -12.45 -14.47
C ASP B 11 -15.96 -11.15 -14.66
N MET B 12 -15.02 -10.88 -13.76
CA MET B 12 -14.26 -9.65 -13.87
C MET B 12 -13.45 -9.62 -15.17
N ILE B 13 -12.80 -10.73 -15.48
CA ILE B 13 -11.97 -10.80 -16.69
C ILE B 13 -12.81 -10.70 -17.96
N SER B 14 -13.93 -11.40 -17.98
CA SER B 14 -14.84 -11.43 -19.12
C SER B 14 -15.42 -10.05 -19.39
N LYS B 15 -15.88 -9.40 -18.32
CA LYS B 15 -16.47 -8.07 -18.43
C LYS B 15 -15.44 -7.02 -18.84
N HIS B 16 -14.26 -7.06 -18.24
CA HIS B 16 -13.24 -6.04 -18.50
C HIS B 16 -12.46 -6.28 -19.79
N HIS B 17 -12.33 -7.53 -20.20
CA HIS B 17 -11.41 -7.87 -21.28
C HIS B 17 -12.03 -8.73 -22.38
N GLY B 18 -13.25 -9.20 -22.15
CA GLY B 18 -13.93 -10.01 -23.15
C GLY B 18 -13.74 -11.51 -22.96
N GLU B 19 -14.64 -12.28 -23.56
CA GLU B 19 -14.66 -13.73 -23.39
C GLU B 19 -13.43 -14.41 -24.00
N ASP B 20 -12.94 -13.86 -25.10
CA ASP B 20 -11.74 -14.40 -25.75
C ASP B 20 -10.57 -14.39 -24.78
N THR B 21 -10.35 -13.26 -24.14
CA THR B 21 -9.24 -13.14 -23.21
C THR B 21 -9.46 -14.06 -22.01
N TRP B 22 -10.72 -14.23 -21.59
CA TRP B 22 -11.02 -15.13 -20.48
C TRP B 22 -10.67 -16.58 -20.84
N GLU B 23 -11.00 -16.99 -22.06
CA GLU B 23 -10.71 -18.35 -22.50
C GLU B 23 -9.22 -18.60 -22.57
N ALA B 24 -8.48 -17.61 -23.09
CA ALA B 24 -7.03 -17.69 -23.11
C ALA B 24 -6.47 -17.92 -21.71
N ILE B 25 -6.92 -17.12 -20.76
CA ILE B 25 -6.47 -17.22 -19.37
C ILE B 25 -6.89 -18.56 -18.76
N LYS B 26 -8.14 -18.95 -18.99
CA LYS B 26 -8.64 -20.22 -18.49
C LYS B 26 -7.83 -21.40 -19.03
N GLN B 27 -7.51 -21.37 -20.33
CA GLN B 27 -6.71 -22.42 -20.93
C GLN B 27 -5.31 -22.43 -20.36
N LYS B 28 -4.71 -21.25 -20.21
CA LYS B 28 -3.35 -21.16 -19.68
C LYS B 28 -3.28 -21.65 -18.22
N ALA B 29 -4.34 -21.42 -17.45
CA ALA B 29 -4.38 -21.92 -16.08
C ALA B 29 -4.53 -23.44 -16.03
N GLY B 30 -4.70 -24.06 -17.19
CA GLY B 30 -4.85 -25.51 -17.28
C GLY B 30 -6.24 -25.97 -16.90
N LEU B 31 -7.23 -25.11 -17.11
CA LEU B 31 -8.60 -25.37 -16.67
C LEU B 31 -9.59 -25.50 -17.82
N GLU B 32 -9.09 -25.81 -19.01
CA GLU B 32 -9.94 -25.91 -20.19
C GLU B 32 -11.11 -26.89 -19.99
N ASP B 33 -10.88 -27.92 -19.19
CA ASP B 33 -11.89 -28.96 -18.98
C ASP B 33 -13.10 -28.46 -18.20
N ILE B 34 -12.89 -27.53 -17.28
CA ILE B 34 -13.97 -26.99 -16.47
C ILE B 34 -14.91 -26.12 -17.30
N ASP B 35 -16.15 -26.60 -17.49
CA ASP B 35 -17.11 -25.88 -18.32
C ASP B 35 -17.62 -24.61 -17.65
N PHE B 36 -17.92 -24.71 -16.35
CA PHE B 36 -18.33 -23.57 -15.56
C PHE B 36 -17.98 -23.85 -14.11
N PHE B 37 -17.75 -22.81 -13.33
CA PHE B 37 -17.57 -22.96 -11.90
C PHE B 37 -18.92 -23.04 -11.19
N VAL B 38 -18.99 -23.87 -10.15
CA VAL B 38 -20.18 -24.03 -9.34
C VAL B 38 -20.01 -23.23 -8.06
N GLY B 39 -20.82 -22.19 -7.90
CA GLY B 39 -20.58 -21.20 -6.86
C GLY B 39 -20.48 -21.75 -5.44
N MET B 40 -21.28 -22.76 -5.12
CA MET B 40 -21.36 -23.26 -3.75
C MET B 40 -20.56 -24.56 -3.56
N GLU B 41 -19.70 -24.86 -4.53
CA GLU B 41 -18.86 -26.03 -4.43
C GLU B 41 -17.41 -25.63 -4.14
N ALA B 42 -16.72 -26.44 -3.36
CA ALA B 42 -15.35 -26.14 -2.98
C ALA B 42 -14.38 -26.62 -4.04
N TYR B 43 -13.41 -25.77 -4.39
CA TYR B 43 -12.36 -26.13 -5.33
C TYR B 43 -11.01 -26.11 -4.64
N SER B 44 -10.04 -26.86 -5.17
CA SER B 44 -8.67 -26.72 -4.71
C SER B 44 -8.24 -25.27 -4.85
N ASP B 45 -7.54 -24.76 -3.84
CA ASP B 45 -6.97 -23.40 -3.91
C ASP B 45 -6.12 -23.21 -5.15
N ASP B 46 -5.46 -24.28 -5.61
CA ASP B 46 -4.62 -24.23 -6.81
C ASP B 46 -5.36 -23.65 -7.99
N VAL B 47 -6.65 -23.93 -8.08
CA VAL B 47 -7.46 -23.45 -9.20
C VAL B 47 -7.40 -21.92 -9.23
N THR B 48 -7.61 -21.30 -8.08
CA THR B 48 -7.56 -19.85 -7.95
C THR B 48 -6.15 -19.30 -8.24
N TYR B 49 -5.13 -19.88 -7.62
CA TYR B 49 -3.77 -19.40 -7.84
C TYR B 49 -3.34 -19.55 -9.31
N HIS B 50 -3.74 -20.64 -9.95
CA HIS B 50 -3.43 -20.82 -11.36
C HIS B 50 -4.12 -19.75 -12.25
N LEU B 51 -5.37 -19.42 -11.94
CA LEU B 51 -6.05 -18.34 -12.64
C LEU B 51 -5.33 -17.01 -12.45
N VAL B 52 -4.96 -16.71 -11.22
CA VAL B 52 -4.22 -15.48 -10.93
C VAL B 52 -2.92 -15.41 -11.75
N GLY B 53 -2.15 -16.50 -11.74
CA GLY B 53 -0.90 -16.53 -12.48
C GLY B 53 -1.13 -16.39 -13.97
N ALA B 54 -2.15 -17.06 -14.50
CA ALA B 54 -2.39 -17.01 -15.93
C ALA B 54 -2.90 -15.64 -16.36
N ALA B 55 -3.74 -15.02 -15.53
CA ALA B 55 -4.25 -13.69 -15.84
C ALA B 55 -3.10 -12.70 -15.87
N SER B 56 -2.22 -12.79 -14.88
CA SER B 56 -1.01 -11.97 -14.85
C SER B 56 -0.22 -12.10 -16.16
N GLU B 57 -0.01 -13.34 -16.57
CA GLU B 57 0.78 -13.63 -17.77
C GLU B 57 0.08 -13.11 -19.03
N VAL B 58 -1.20 -13.46 -19.20
CA VAL B 58 -1.95 -13.05 -20.39
C VAL B 58 -2.14 -11.54 -20.50
N LEU B 59 -2.39 -10.88 -19.36
CA LEU B 59 -2.67 -9.45 -19.33
C LEU B 59 -1.42 -8.56 -19.23
N GLY B 60 -0.27 -9.16 -18.95
CA GLY B 60 0.95 -8.39 -18.79
C GLY B 60 0.94 -7.51 -17.54
N LYS B 61 0.30 -7.99 -16.48
CA LYS B 61 0.21 -7.27 -15.22
C LYS B 61 0.82 -8.13 -14.12
N PRO B 62 1.59 -7.52 -13.20
CA PRO B 62 2.01 -8.29 -12.03
C PRO B 62 0.78 -8.84 -11.31
N ALA B 63 0.89 -10.06 -10.80
CA ALA B 63 -0.22 -10.71 -10.08
C ALA B 63 -0.74 -9.83 -8.94
N GLU B 64 0.17 -9.24 -8.18
CA GLU B 64 -0.21 -8.37 -7.06
C GLU B 64 -1.03 -7.17 -7.52
N GLU B 65 -0.68 -6.61 -8.68
CA GLU B 65 -1.44 -5.49 -9.23
C GLU B 65 -2.85 -5.95 -9.60
N TRP B 66 -2.92 -7.07 -10.30
CA TRP B 66 -4.20 -7.65 -10.70
C TRP B 66 -5.06 -7.96 -9.47
N LEU B 67 -4.42 -8.48 -8.42
CA LEU B 67 -5.15 -8.81 -7.18
C LEU B 67 -5.80 -7.60 -6.51
N ILE B 68 -5.14 -6.44 -6.59
CA ILE B 68 -5.76 -5.22 -6.07
C ILE B 68 -7.08 -4.96 -6.81
N ALA B 69 -7.05 -5.02 -8.14
CA ALA B 69 -8.26 -4.84 -8.94
C ALA B 69 -9.32 -5.88 -8.59
N PHE B 70 -8.89 -7.12 -8.39
CA PHE B 70 -9.84 -8.17 -8.08
C PHE B 70 -10.52 -7.91 -6.73
N GLY B 71 -9.73 -7.51 -5.74
CA GLY B 71 -10.29 -7.18 -4.43
C GLY B 71 -11.32 -6.06 -4.49
N GLU B 72 -11.03 -5.00 -5.24
CA GLU B 72 -12.01 -3.94 -5.42
C GLU B 72 -13.29 -4.53 -6.03
N TYR B 73 -13.11 -5.38 -7.03
CA TYR B 73 -14.25 -5.93 -7.79
C TYR B 73 -15.18 -6.78 -6.91
N TRP B 74 -14.59 -7.51 -5.97
CA TRP B 74 -15.31 -8.44 -5.10
C TRP B 74 -16.38 -7.72 -4.31
N VAL B 75 -16.10 -6.48 -3.92
CA VAL B 75 -17.05 -5.71 -3.11
C VAL B 75 -18.35 -5.45 -3.89
N THR B 76 -18.23 -5.20 -5.19
CA THR B 76 -19.37 -4.99 -6.08
CA THR B 76 -19.43 -5.00 -5.99
C THR B 76 -20.02 -6.32 -6.46
N TYR B 77 -19.16 -7.27 -6.79
CA TYR B 77 -19.63 -8.59 -7.22
C TYR B 77 -20.56 -9.22 -6.18
N THR B 78 -20.10 -9.28 -4.93
CA THR B 78 -20.91 -9.88 -3.86
C THR B 78 -22.22 -9.14 -3.67
N SER B 79 -22.19 -7.82 -3.73
CA SER B 79 -23.40 -7.04 -3.54
C SER B 79 -24.43 -7.37 -4.61
N GLU B 80 -23.96 -7.74 -5.80
CA GLU B 80 -24.86 -7.89 -6.95
C GLU B 80 -25.22 -9.34 -7.22
N GLU B 81 -24.51 -10.27 -6.61
CA GLU B 81 -24.71 -11.68 -6.93
C GLU B 81 -25.31 -12.49 -5.79
N GLY B 82 -26.08 -11.83 -4.93
CA GLY B 82 -26.83 -12.52 -3.90
C GLY B 82 -26.41 -12.24 -2.47
N TYR B 83 -25.45 -11.35 -2.27
CA TYR B 83 -24.99 -11.04 -0.92
C TYR B 83 -25.15 -9.57 -0.52
N GLY B 84 -26.02 -8.86 -1.24
CA GLY B 84 -26.29 -7.46 -0.98
C GLY B 84 -26.78 -7.16 0.43
N GLU B 85 -27.77 -7.91 0.90
CA GLU B 85 -28.28 -7.67 2.25
C GLU B 85 -27.26 -8.03 3.32
N LEU B 86 -26.57 -9.16 3.14
CA LEU B 86 -25.50 -9.55 4.07
C LEU B 86 -24.49 -8.42 4.17
N LEU B 87 -24.09 -7.88 3.03
CA LEU B 87 -23.11 -6.80 3.02
C LEU B 87 -23.67 -5.59 3.77
N ALA B 88 -24.89 -5.23 3.45
CA ALA B 88 -25.52 -4.08 4.10
C ALA B 88 -25.53 -4.27 5.61
N SER B 89 -25.77 -5.50 6.06
CA SER B 89 -25.92 -5.76 7.49
C SER B 89 -24.61 -5.62 8.25
N ALA B 90 -23.49 -5.62 7.53
CA ALA B 90 -22.20 -5.57 8.20
C ALA B 90 -21.78 -4.13 8.52
N GLY B 91 -22.58 -3.16 8.11
CA GLY B 91 -22.37 -1.81 8.60
C GLY B 91 -22.51 -0.64 7.66
N ASP B 92 -22.49 0.55 8.25
CA ASP B 92 -22.76 1.80 7.56
C ASP B 92 -21.53 2.66 7.37
N SER B 93 -20.37 2.14 7.75
CA SER B 93 -19.12 2.89 7.58
C SER B 93 -17.95 1.91 7.50
N LEU B 94 -16.81 2.39 7.00
CA LEU B 94 -15.63 1.56 6.89
C LEU B 94 -15.17 0.92 8.22
N PRO B 95 -15.00 1.74 9.26
CA PRO B 95 -14.54 1.24 10.56
C PRO B 95 -15.46 0.14 11.10
N GLU B 96 -16.75 0.41 11.07
CA GLU B 96 -17.71 -0.55 11.58
C GLU B 96 -17.66 -1.83 10.74
N PHE B 97 -17.60 -1.68 9.43
CA PHE B 97 -17.59 -2.83 8.55
C PHE B 97 -16.40 -3.74 8.87
N MET B 98 -15.22 -3.15 8.99
CA MET B 98 -14.04 -3.95 9.30
C MET B 98 -14.18 -4.65 10.67
N GLU B 99 -14.78 -3.96 11.66
CA GLU B 99 -15.08 -4.59 12.94
C GLU B 99 -16.02 -5.79 12.81
N ASN B 100 -16.94 -5.74 11.83
CA ASN B 100 -17.91 -6.83 11.66
C ASN B 100 -17.42 -7.94 10.75
N LEU B 101 -16.23 -7.80 10.20
CA LEU B 101 -15.83 -8.70 9.12
C LEU B 101 -15.76 -10.19 9.55
N ASP B 102 -15.18 -10.48 10.72
CA ASP B 102 -15.17 -11.87 11.17
C ASP B 102 -16.62 -12.38 11.34
N ASN B 103 -17.48 -11.53 11.88
CA ASN B 103 -18.88 -11.92 12.02
C ASN B 103 -19.61 -12.08 10.68
N LEU B 104 -19.26 -11.24 9.70
CA LEU B 104 -19.76 -11.43 8.35
C LEU B 104 -19.35 -12.81 7.82
N HIS B 105 -18.07 -13.16 7.96
CA HIS B 105 -17.61 -14.47 7.46
C HIS B 105 -18.18 -15.64 8.24
N ALA B 106 -18.47 -15.44 9.52
CA ALA B 106 -19.17 -16.44 10.31
C ALA B 106 -20.54 -16.70 9.69
N ARG B 107 -21.23 -15.63 9.34
CA ARG B 107 -22.53 -15.76 8.68
C ARG B 107 -22.37 -16.46 7.33
N VAL B 108 -21.33 -16.10 6.58
CA VAL B 108 -21.05 -16.81 5.33
C VAL B 108 -20.81 -18.29 5.59
N GLY B 109 -20.11 -18.60 6.68
CA GLY B 109 -19.70 -19.96 6.99
C GLY B 109 -20.86 -20.90 7.29
N LEU B 110 -21.99 -20.34 7.69
CA LEU B 110 -23.18 -21.15 7.91
C LEU B 110 -23.63 -21.79 6.59
N SER B 111 -23.52 -21.02 5.51
CA SER B 111 -23.93 -21.50 4.19
C SER B 111 -22.82 -22.25 3.46
N PHE B 112 -21.58 -21.90 3.74
CA PHE B 112 -20.43 -22.56 3.13
C PHE B 112 -19.68 -23.35 4.20
N PRO B 113 -20.08 -24.61 4.43
CA PRO B 113 -19.56 -25.40 5.56
C PRO B 113 -18.05 -25.61 5.56
N GLN B 114 -17.41 -25.56 4.41
CA GLN B 114 -15.98 -25.79 4.36
C GLN B 114 -15.19 -24.48 4.31
N LEU B 115 -15.86 -23.38 4.64
CA LEU B 115 -15.22 -22.07 4.52
C LEU B 115 -13.92 -21.97 5.32
N ARG B 116 -12.87 -21.44 4.71
CA ARG B 116 -11.67 -21.07 5.48
C ARG B 116 -11.52 -19.56 5.41
N PRO B 117 -12.26 -18.84 6.26
CA PRO B 117 -12.27 -17.38 6.12
C PRO B 117 -10.99 -16.74 6.61
N PRO B 118 -10.70 -15.52 6.15
CA PRO B 118 -9.60 -14.78 6.76
C PRO B 118 -10.03 -14.33 8.17
N ALA B 119 -9.08 -13.90 8.99
CA ALA B 119 -9.39 -13.31 10.28
C ALA B 119 -8.87 -11.87 10.31
N PHE B 120 -9.75 -10.94 10.67
CA PHE B 120 -9.41 -9.52 10.69
C PHE B 120 -9.59 -8.95 12.10
N GLU B 121 -8.54 -8.33 12.63
CA GLU B 121 -8.67 -7.68 13.92
C GLU B 121 -8.33 -6.20 13.77
N CYS B 122 -9.18 -5.32 14.31
CA CYS B 122 -8.96 -3.88 14.23
C CYS B 122 -8.41 -3.30 15.51
N GLN B 123 -7.36 -2.48 15.39
CA GLN B 123 -6.93 -1.68 16.53
C GLN B 123 -7.10 -0.23 16.13
N HIS B 124 -8.05 0.46 16.75
CA HIS B 124 -8.34 1.83 16.38
C HIS B 124 -7.35 2.78 17.02
N THR B 125 -6.73 3.61 16.20
CA THR B 125 -5.69 4.51 16.67
C THR B 125 -6.21 5.94 16.77
N SER B 126 -7.32 6.20 16.10
CA SER B 126 -8.03 7.48 16.22
C SER B 126 -9.41 7.34 15.57
N SER B 127 -10.18 8.41 15.59
CA SER B 127 -11.49 8.42 14.95
C SER B 127 -11.36 8.34 13.44
N LYS B 128 -10.16 8.56 12.92
CA LYS B 128 -9.92 8.55 11.48
C LYS B 128 -8.80 7.60 11.04
N SER B 129 -8.41 6.69 11.93
CA SER B 129 -7.38 5.71 11.58
C SER B 129 -7.51 4.41 12.36
N MET B 130 -6.97 3.35 11.78
CA MET B 130 -6.89 2.09 12.48
C MET B 130 -5.74 1.26 11.95
N GLU B 131 -5.30 0.30 12.75
CA GLU B 131 -4.33 -0.69 12.34
C GLU B 131 -5.13 -1.97 12.12
N LEU B 132 -5.03 -2.53 10.93
CA LEU B 132 -5.80 -3.72 10.57
C LEU B 132 -4.91 -4.96 10.50
N HIS B 133 -5.23 -5.97 11.30
CA HIS B 133 -4.48 -7.22 11.34
C HIS B 133 -5.20 -8.27 10.52
N TYR B 134 -4.49 -8.79 9.52
CA TYR B 134 -5.07 -9.74 8.57
C TYR B 134 -4.36 -11.06 8.78
N GLN B 135 -5.09 -12.08 9.24
CA GLN B 135 -4.48 -13.40 9.40
C GLN B 135 -5.20 -14.41 8.51
N SER B 136 -4.45 -15.32 7.92
CA SER B 136 -5.00 -16.17 6.89
C SER B 136 -4.26 -17.50 6.83
N THR B 137 -4.99 -18.56 6.49
CA THR B 137 -4.38 -19.86 6.21
C THR B 137 -3.69 -19.87 4.84
N ARG B 138 -3.87 -18.80 4.06
CA ARG B 138 -3.32 -18.73 2.70
C ARG B 138 -2.23 -17.67 2.56
N CYS B 139 -1.36 -17.87 1.56
CA CYS B 139 -0.31 -16.92 1.25
C CYS B 139 -0.70 -16.05 0.07
N GLY B 140 -0.13 -14.85 0.03
CA GLY B 140 -0.16 -14.05 -1.18
C GLY B 140 -1.37 -13.17 -1.43
N LEU B 141 -2.33 -13.13 -0.49
CA LEU B 141 -3.56 -12.39 -0.76
C LEU B 141 -3.61 -11.00 -0.14
N ALA B 142 -2.53 -10.55 0.49
CA ALA B 142 -2.54 -9.19 1.06
C ALA B 142 -2.92 -8.12 0.03
N PRO B 143 -2.40 -8.21 -1.20
CA PRO B 143 -2.79 -7.18 -2.19
C PRO B 143 -4.28 -7.19 -2.47
N MET B 144 -4.92 -8.35 -2.37
CA MET B 144 -6.36 -8.40 -2.60
C MET B 144 -7.05 -7.66 -1.45
N VAL B 145 -6.55 -7.84 -0.24
CA VAL B 145 -7.10 -7.13 0.91
C VAL B 145 -6.97 -5.63 0.68
N LEU B 146 -5.83 -5.20 0.17
CA LEU B 146 -5.67 -3.78 -0.15
C LEU B 146 -6.78 -3.28 -1.09
N GLY B 147 -7.06 -4.02 -2.16
CA GLY B 147 -8.13 -3.66 -3.08
C GLY B 147 -9.50 -3.70 -2.44
N LEU B 148 -9.72 -4.69 -1.56
CA LEU B 148 -11.01 -4.83 -0.90
C LEU B 148 -11.28 -3.59 -0.06
N LEU B 149 -10.25 -3.10 0.63
CA LEU B 149 -10.41 -1.90 1.46
C LEU B 149 -10.75 -0.69 0.60
N HIS B 150 -10.10 -0.57 -0.55
CA HIS B 150 -10.48 0.51 -1.45
C HIS B 150 -11.90 0.33 -1.98
N GLY B 151 -12.30 -0.91 -2.25
CA GLY B 151 -13.67 -1.19 -2.64
C GLY B 151 -14.66 -0.73 -1.56
N LEU B 152 -14.30 -0.98 -0.30
CA LEU B 152 -15.18 -0.58 0.81
C LEU B 152 -15.23 0.95 0.93
N GLY B 153 -14.09 1.59 0.72
CA GLY B 153 -14.04 3.04 0.72
C GLY B 153 -15.00 3.63 -0.29
N LYS B 154 -15.03 3.04 -1.49
CA LYS B 154 -15.95 3.47 -2.54
C LYS B 154 -17.39 3.20 -2.11
N ARG B 155 -17.62 2.04 -1.49
CA ARG B 155 -18.96 1.68 -1.04
C ARG B 155 -19.50 2.73 -0.07
N PHE B 156 -18.66 3.17 0.85
CA PHE B 156 -19.09 4.10 1.87
C PHE B 156 -18.74 5.54 1.52
N GLN B 157 -18.45 5.79 0.24
CA GLN B 157 -18.06 7.13 -0.21
C GLN B 157 -17.14 7.76 0.80
N THR B 158 -16.10 7.01 1.18
CA THR B 158 -15.14 7.45 2.17
C THR B 158 -13.74 7.36 1.57
N LYS B 159 -13.00 8.47 1.65
CA LYS B 159 -11.62 8.46 1.19
C LYS B 159 -10.79 7.61 2.14
N VAL B 160 -9.96 6.73 1.58
CA VAL B 160 -9.09 5.90 2.40
C VAL B 160 -7.67 5.86 1.89
N GLU B 161 -6.75 5.76 2.83
CA GLU B 161 -5.34 5.56 2.52
CA GLU B 161 -5.35 5.53 2.49
C GLU B 161 -4.91 4.27 3.22
N VAL B 162 -4.40 3.31 2.46
CA VAL B 162 -4.04 2.01 3.00
C VAL B 162 -2.57 1.76 2.74
N THR B 163 -1.82 1.53 3.82
CA THR B 163 -0.40 1.22 3.70
CA THR B 163 -0.41 1.18 3.66
C THR B 163 -0.06 -0.04 4.49
N GLN B 164 0.51 -1.05 3.84
CA GLN B 164 0.91 -2.24 4.55
C GLN B 164 2.17 -1.92 5.35
N THR B 165 2.19 -2.28 6.63
CA THR B 165 3.33 -1.96 7.49
C THR B 165 4.08 -3.22 7.94
N ALA B 166 3.41 -4.37 7.91
CA ALA B 166 4.02 -5.65 8.22
C ALA B 166 3.65 -6.66 7.16
N PHE B 167 4.62 -7.44 6.69
CA PHE B 167 4.39 -8.42 5.65
C PHE B 167 4.88 -9.78 6.12
N ARG B 168 4.13 -10.84 5.86
CA ARG B 168 4.64 -12.18 6.11
CA ARG B 168 4.63 -12.19 6.09
C ARG B 168 5.92 -12.41 5.32
N GLU B 169 5.92 -12.00 4.05
CA GLU B 169 7.06 -12.17 3.16
C GLU B 169 8.38 -11.62 3.73
N THR B 170 8.29 -10.47 4.39
CA THR B 170 9.46 -9.90 5.08
C THR B 170 9.88 -10.82 6.22
N GLY B 171 8.91 -11.49 6.83
CA GLY B 171 9.19 -12.44 7.88
C GLY B 171 8.34 -12.23 9.13
N GLU B 172 7.44 -11.25 9.09
CA GLU B 172 6.56 -10.99 10.23
CA GLU B 172 6.56 -10.99 10.22
C GLU B 172 5.48 -12.06 10.38
N ASP B 173 4.89 -12.14 11.57
CA ASP B 173 3.85 -13.14 11.86
C ASP B 173 2.66 -13.04 10.90
N HIS B 174 2.15 -11.84 10.70
CA HIS B 174 1.00 -11.63 9.82
C HIS B 174 0.98 -10.22 9.24
N ASP B 175 0.21 -10.06 8.16
CA ASP B 175 0.09 -8.80 7.47
C ASP B 175 -0.61 -7.80 8.35
N ILE B 176 -0.07 -6.59 8.40
CA ILE B 176 -0.69 -5.48 9.11
C ILE B 176 -0.81 -4.29 8.17
N PHE B 177 -1.97 -3.65 8.17
CA PHE B 177 -2.19 -2.47 7.35
C PHE B 177 -2.51 -1.29 8.23
N SER B 178 -1.88 -0.16 7.94
CA SER B 178 -2.27 1.09 8.56
C SER B 178 -3.25 1.81 7.66
N ILE B 179 -4.39 2.20 8.22
CA ILE B 179 -5.46 2.79 7.42
C ILE B 179 -5.86 4.17 7.93
N LYS B 180 -5.94 5.14 7.03
CA LYS B 180 -6.51 6.46 7.32
C LYS B 180 -7.78 6.60 6.49
N TYR B 181 -8.83 7.14 7.09
CA TYR B 181 -10.11 7.31 6.40
C TYR B 181 -10.82 8.60 6.83
N GLU B 182 -11.66 9.13 5.95
CA GLU B 182 -12.32 10.41 6.22
C GLU B 182 -13.57 10.29 7.10
CHA HEM C . 16.31 11.57 -0.24
CHB HEM C . 12.25 10.34 -2.64
CHC HEM C . 11.33 15.03 -3.41
CHD HEM C . 15.71 16.22 -1.72
C1A HEM C . 15.23 10.84 -0.71
C2A HEM C . 14.92 9.45 -0.40
C3A HEM C . 13.80 9.12 -1.07
C4A HEM C . 13.37 10.28 -1.82
CMA HEM C . 13.08 7.74 -1.06
CAA HEM C . 15.70 8.51 0.55
CBA HEM C . 17.19 8.38 0.21
CGA HEM C . 17.50 6.99 -0.30
O1A HEM C . 16.54 6.28 -0.67
O2A HEM C . 18.70 6.60 -0.34
C1B HEM C . 11.62 11.50 -2.99
C2B HEM C . 10.27 11.61 -3.50
C3B HEM C . 10.02 12.91 -3.67
C4B HEM C . 11.20 13.66 -3.33
CMB HEM C . 9.25 10.47 -3.75
CAB HEM C . 8.68 13.46 -4.18
CBB HEM C . 8.32 14.69 -3.78
C1C HEM C . 12.42 15.78 -3.05
C2C HEM C . 12.56 17.21 -3.17
C3C HEM C . 13.76 17.53 -2.69
C4C HEM C . 14.43 16.31 -2.26
CMC HEM C . 11.55 18.26 -3.74
CAC HEM C . 14.32 18.96 -2.63
CBC HEM C . 15.30 19.24 -1.77
C1D HEM C . 16.23 15.11 -1.10
C2D HEM C . 17.38 15.12 -0.23
C3D HEM C . 17.58 13.69 0.21
C4D HEM C . 16.51 12.93 -0.41
CMD HEM C . 18.28 16.31 0.17
CAD HEM C . 18.69 13.16 1.17
CBD HEM C . 19.64 12.30 0.35
CGD HEM C . 21.05 12.47 0.88
O1D HEM C . 21.23 13.29 1.82
O2D HEM C . 21.98 11.82 0.37
NA HEM C . 14.25 11.30 -1.57
NB HEM C . 12.18 12.77 -2.90
NC HEM C . 13.58 15.26 -2.49
ND HEM C . 15.74 13.81 -1.19
FE HEM C . 14.13 13.24 -2.34
HHB HEM C . 11.85 9.38 -3.05
HHC HEM C . 10.47 15.58 -3.82
HHD HEM C . 16.35 17.11 -1.80
HMA HEM C . 13.64 7.05 -0.41
HMAA HEM C . 13.05 7.34 -2.08
HMAB HEM C . 12.07 7.87 -0.68
HAA HEM C . 15.24 7.52 0.53
HAAA HEM C . 15.61 8.89 1.59
HBA HEM C . 17.80 8.59 1.10
HBAA HEM C . 17.46 9.12 -0.56
HMB HEM C . 8.32 10.88 -4.13
HMBA HEM C . 9.07 9.92 -2.81
HMBB HEM C . 9.67 9.77 -4.48
HAB HEM C . 8.04 12.88 -4.86
HBB HEM C . 7.37 15.12 -4.13
HBBA HEM C . 8.97 15.26 -3.11
HMC HEM C . 11.98 19.27 -3.67
HMCA HEM C . 10.62 18.23 -3.15
HMCB HEM C . 11.33 18.02 -4.79
HAC HEM C . 13.92 19.74 -3.28
HBC HEM C . 15.71 20.26 -1.70
HBCA HEM C . 15.70 18.44 -1.11
HMD HEM C . 19.08 15.97 0.85
HMDA HEM C . 17.66 17.07 0.69
HMDB HEM C . 18.73 16.76 -0.72
HAD HEM C . 18.24 12.57 1.98
HADA HEM C . 19.22 13.99 1.63
HBD HEM C . 19.61 12.59 -0.72
HBDA HEM C . 19.35 11.24 0.40
HHA HEM C . 17.07 11.02 0.33
XE XE D . 13.39 12.33 2.19
XE XE E . 13.87 9.42 7.13
C1 MLA F . 1.08 18.27 8.14
O1A MLA F . 1.13 19.02 9.15
O1B MLA F . 0.99 17.04 8.28
C2 MLA F . 1.11 18.88 6.78
C3 MLA F . -0.21 19.08 6.09
O3A MLA F . -1.03 18.14 6.00
O3B MLA F . -0.49 20.21 5.60
C1 MLA G . 2.77 10.99 13.40
O1A MLA G . 3.09 10.51 14.52
O1B MLA G . 3.24 12.11 13.03
C2 MLA G . 1.85 10.22 12.51
C3 MLA G . 0.86 11.01 11.72
O3A MLA G . 0.87 12.26 11.77
O3B MLA G . 0.03 10.39 11.00
CHA HEM H . -12.43 -15.24 1.12
CHB HEM H . -17.27 -14.85 1.08
CHC HEM H . -16.86 -10.07 1.77
CHD HEM H . -12.13 -10.62 2.70
C1A HEM H . -13.77 -15.53 0.98
C2A HEM H . -14.29 -16.77 0.50
C3A HEM H . -15.64 -16.67 0.47
C4A HEM H . -15.99 -15.36 0.95
CMA HEM H . -16.63 -17.78 0.03
CAA HEM H . -13.45 -18.00 0.08
CBA HEM H . -12.94 -18.69 1.35
CGA HEM H . -12.89 -20.18 1.18
O1A HEM H . -13.39 -20.68 0.14
O2A HEM H . -12.36 -20.90 2.08
C1B HEM H . -17.57 -13.50 1.18
C2B HEM H . -18.88 -12.89 0.96
C3B HEM H . -18.75 -11.57 1.15
C4B HEM H . -17.37 -11.31 1.51
CMB HEM H . -20.14 -13.71 0.55
CAB HEM H . -19.80 -10.45 1.06
CBB HEM H . -21.08 -10.71 1.38
C1C HEM H . -15.54 -9.80 2.07
C2C HEM H . -14.99 -8.50 2.33
C3C HEM H . -13.70 -8.64 2.61
C4C HEM H . -13.36 -10.04 2.51
CMC HEM H . -15.79 -7.18 2.30
CAC HEM H . -12.78 -7.44 2.94
CBC HEM H . -11.64 -7.64 3.59
C1D HEM H . -11.75 -11.85 2.23
C2D HEM H . -10.38 -12.26 2.01
C3D HEM H . -10.47 -13.71 1.52
C4D HEM H . -11.88 -14.04 1.49
CMD HEM H . -9.10 -11.43 2.21
CAD HEM H . -9.25 -14.58 1.13
CBD HEM H . -9.20 -15.88 1.91
CGD HEM H . -8.06 -15.80 2.90
O1D HEM H . -7.53 -14.67 3.09
O2D HEM H . -7.71 -16.84 3.49
NA HEM H . -14.82 -14.68 1.26
NB HEM H . -16.68 -12.50 1.50
NC HEM H . -14.52 -10.73 2.18
ND HEM H . -12.60 -12.93 1.93
FE HEM H . -14.71 -12.79 2.07
HHB HEM H . -18.10 -15.56 1.11
HHC HEM H . -17.55 -9.21 1.73
HHD HEM H . -11.38 -10.05 3.26
HMA HEM H . -16.08 -18.67 -0.28
HMAA HEM H . -17.23 -17.41 -0.81
HMAB HEM H . -17.29 -18.03 0.87
HAA HEM H . -12.60 -17.69 -0.56
HAAA HEM H . -14.05 -18.70 -0.52
HBA HEM H . -13.58 -18.43 2.20
HBAA HEM H . -11.92 -18.32 1.60
HMB HEM H . -21.00 -13.03 0.45
HMBA HEM H . -20.35 -14.47 1.32
HMBB HEM H . -19.96 -14.21 -0.41
HAB HEM H . -19.52 -9.44 0.74
HBB HEM H . -21.83 -9.92 1.33
HBBA HEM H . -21.36 -11.73 1.71
HMC HEM H . -15.13 -6.34 2.53
HMCA HEM H . -16.60 -7.22 3.05
HMCB HEM H . -16.23 -7.04 1.30
HAC HEM H . -13.07 -6.43 2.64
HBC HEM H . -10.99 -6.78 3.82
HBCA HEM H . -11.35 -8.65 3.90
HMD HEM H . -8.22 -12.04 1.96
HMDA HEM H . -9.02 -11.13 3.27
HMDB HEM H . -9.12 -10.54 1.58
HAD HEM H . -8.32 -14.00 1.30
HADA HEM H . -9.29 -14.79 0.05
HBD HEM H . -9.04 -16.73 1.22
HBDA HEM H . -10.15 -16.04 2.43
HHA HEM H . -11.73 -16.06 0.92
XE XE I . -12.47 -13.03 -1.99
XE XE J . -8.10 -14.52 -5.48
C1 MLA K . -8.92 -5.37 -14.38
O1A MLA K . -9.28 -4.18 -14.29
O1B MLA K . -9.68 -6.24 -14.89
C2 MLA K . -7.57 -5.77 -13.90
C3 MLA K . -6.49 -5.64 -14.92
O3A MLA K . -6.72 -6.07 -16.08
O3B MLA K . -5.39 -5.10 -14.64
#